data_4EX9
#
_entry.id   4EX9
#
_cell.length_a   168.790
_cell.length_b   168.790
_cell.length_c   168.790
_cell.angle_alpha   90.00
_cell.angle_beta   90.00
_cell.angle_gamma   90.00
#
_symmetry.space_group_name_H-M   'I 41 3 2'
#
loop_
_entity.id
_entity.type
_entity.pdbx_description
1 polymer AlnA
2 non-polymer 'CALCIUM ION'
3 non-polymer RIBULOSE-5-PHOSPHATE
4 non-polymer '4-(2-HYDROXYETHYL)-1-PIPERAZINE ETHANESULFONIC ACID'
5 non-polymer 'CHLORIDE ION'
6 water water
#
_entity_poly.entity_id   1
_entity_poly.type   'polypeptide(L)'
_entity_poly.pdbx_seq_one_letter_code
;MAHHHHHHHRSERQPDQLLEVSDEIATALAERRPVVALESSLITTDPSSETASLIEKAVRGAGAVPATIGIAGGKLVVGL
TDSLIERFASTKGIPKISARDIGGALAGGGLGATTVAGTIVIAERAGIQVFTTAGIGGVHRRGEDTLDISPDLLQFRKTK
MTVVSGGAKSILDHRLTAEYLETAGVPVYGYRTDKLAAFVVREADVPVTRMDDLHTAARAAEAHWQVNGPGTVLLTSPID
EQDAVDEAIVEAAIAEALAQCDQEGIVGNAVSPYLMKALARASGGMLPKAGRSLLLSTARVAGEFSAALSAVQAER
;
_entity_poly.pdbx_strand_id   A
#
# COMPACT_ATOMS: atom_id res chain seq x y z
N PRO A 15 18.09 19.23 10.84
CA PRO A 15 18.45 19.90 9.58
C PRO A 15 18.66 18.91 8.43
N ASP A 16 17.58 18.26 8.01
CA ASP A 16 17.60 17.24 6.95
C ASP A 16 17.52 17.87 5.56
N GLN A 17 18.52 17.58 4.73
CA GLN A 17 18.64 18.20 3.41
C GLN A 17 17.70 17.58 2.38
N LEU A 18 17.30 16.33 2.61
CA LEU A 18 16.54 15.56 1.62
C LEU A 18 15.03 15.60 1.83
N LEU A 19 14.60 15.85 3.06
CA LEU A 19 13.17 15.88 3.38
C LEU A 19 12.52 17.23 3.13
N GLU A 20 11.35 17.19 2.51
CA GLU A 20 10.52 18.37 2.28
C GLU A 20 9.15 18.14 2.89
N VAL A 21 8.96 18.61 4.12
CA VAL A 21 7.73 18.35 4.88
C VAL A 21 6.88 19.62 5.02
N SER A 22 5.59 19.48 4.72
CA SER A 22 4.63 20.59 4.88
C SER A 22 4.42 20.92 6.36
N ASP A 23 3.90 22.13 6.62
CA ASP A 23 3.68 22.61 7.99
C ASP A 23 2.82 21.67 8.81
N GLU A 24 1.64 21.32 8.29
CA GLU A 24 0.68 20.50 9.03
C GLU A 24 1.28 19.18 9.51
N ILE A 25 1.98 18.50 8.60
CA ILE A 25 2.57 17.20 8.89
C ILE A 25 3.73 17.33 9.88
N ALA A 26 4.56 18.35 9.69
CA ALA A 26 5.69 18.63 10.59
C ALA A 26 5.22 18.79 12.04
N THR A 27 4.19 19.62 12.22
CA THR A 27 3.59 19.87 13.53
C THR A 27 2.99 18.61 14.13
N ALA A 28 2.22 17.88 13.33
CA ALA A 28 1.57 16.65 13.78
C ALA A 28 2.57 15.65 14.33
N LEU A 29 3.67 15.46 13.61
CA LEU A 29 4.75 14.57 14.04
C LEU A 29 5.41 15.13 15.30
N ALA A 30 5.71 16.43 15.27
CA ALA A 30 6.36 17.11 16.39
C ALA A 30 5.51 17.10 17.66
N GLU A 31 4.23 16.76 17.51
CA GLU A 31 3.32 16.69 18.65
C GLU A 31 2.80 15.28 18.90
N ARG A 32 3.51 14.29 18.35
CA ARG A 32 3.14 12.87 18.47
C ARG A 32 1.68 12.57 18.06
N ARG A 33 1.11 13.46 17.24
CA ARG A 33 -0.23 13.28 16.66
C ARG A 33 -0.16 12.32 15.47
N PRO A 34 -1.25 11.56 15.22
CA PRO A 34 -1.25 10.53 14.17
C PRO A 34 -1.11 11.06 12.74
N VAL A 35 -0.31 10.37 11.93
CA VAL A 35 -0.09 10.69 10.52
C VAL A 35 -0.12 9.41 9.68
N VAL A 36 -0.84 9.45 8.56
CA VAL A 36 -0.95 8.28 7.67
C VAL A 36 -0.41 8.59 6.27
N ALA A 37 0.63 7.85 5.87
CA ALA A 37 1.29 8.03 4.59
C ALA A 37 0.48 7.45 3.43
N LEU A 38 0.57 8.11 2.27
CA LEU A 38 -0.13 7.69 1.06
C LEU A 38 0.82 7.77 -0.11
N GLU A 39 0.73 6.80 -1.03
CA GLU A 39 1.54 6.83 -2.25
C GLU A 39 0.99 7.86 -3.25
N SER A 40 1.91 8.49 -3.98
CA SER A 40 1.57 9.55 -4.95
C SER A 40 0.64 9.11 -6.07
N SER A 41 0.63 7.80 -6.34
CA SER A 41 -0.18 7.19 -7.39
C SER A 41 -1.64 7.65 -7.41
N LEU A 42 -2.21 7.83 -6.22
CA LEU A 42 -3.62 8.18 -6.04
C LEU A 42 -3.97 9.55 -6.62
N ILE A 43 -3.04 10.49 -6.49
CA ILE A 43 -3.19 11.83 -7.07
C ILE A 43 -2.90 11.81 -8.57
N THR A 44 -1.92 11.00 -8.96
CA THR A 44 -1.52 10.83 -10.37
C THR A 44 -2.67 10.33 -11.25
N THR A 45 -3.31 9.24 -10.82
CA THR A 45 -4.35 8.57 -11.59
C THR A 45 -5.62 9.41 -11.73
N ASP A 46 -6.19 9.84 -10.60
CA ASP A 46 -7.37 10.69 -10.62
C ASP A 46 -7.04 12.09 -10.07
N PRO A 47 -6.79 13.05 -10.98
CA PRO A 47 -6.54 14.46 -10.61
C PRO A 47 -7.79 15.15 -10.08
N SER A 48 -8.96 14.65 -10.48
CA SER A 48 -10.24 15.16 -10.01
C SER A 48 -10.34 15.01 -8.50
N SER A 49 -10.88 16.04 -7.85
CA SER A 49 -11.07 16.06 -6.40
C SER A 49 -11.83 14.83 -5.91
N GLU A 50 -12.65 14.26 -6.79
CA GLU A 50 -13.49 13.10 -6.50
C GLU A 50 -12.81 12.02 -5.65
N THR A 51 -11.67 11.51 -6.10
CA THR A 51 -10.97 10.43 -5.42
C THR A 51 -10.05 10.93 -4.30
N ALA A 52 -9.20 11.90 -4.64
CA ALA A 52 -8.22 12.45 -3.70
C ALA A 52 -8.87 13.05 -2.45
N SER A 53 -9.96 13.80 -2.64
CA SER A 53 -10.68 14.42 -1.53
C SER A 53 -11.35 13.39 -0.61
N LEU A 54 -11.81 12.28 -1.18
CA LEU A 54 -12.51 11.25 -0.41
C LEU A 54 -11.59 10.40 0.46
N ILE A 55 -10.37 10.13 -0.02
CA ILE A 55 -9.38 9.40 0.77
C ILE A 55 -8.92 10.27 1.94
N GLU A 56 -8.56 11.52 1.61
CA GLU A 56 -8.19 12.52 2.61
C GLU A 56 -9.28 12.65 3.68
N LYS A 57 -10.53 12.67 3.23
CA LYS A 57 -11.70 12.70 4.12
C LYS A 57 -11.72 11.49 5.06
N ALA A 58 -11.46 10.31 4.49
CA ALA A 58 -11.51 9.04 5.22
C ALA A 58 -10.42 8.91 6.28
N VAL A 59 -9.26 9.51 6.02
CA VAL A 59 -8.13 9.47 6.94
C VAL A 59 -8.30 10.50 8.05
N ARG A 60 -8.68 11.72 7.67
CA ARG A 60 -8.85 12.83 8.60
C ARG A 60 -9.95 12.57 9.63
N GLY A 61 -10.91 11.73 9.27
CA GLY A 61 -12.04 11.39 10.13
C GLY A 61 -11.63 10.98 11.54
N ALA A 62 -10.61 10.14 11.63
CA ALA A 62 -10.10 9.67 12.91
C ALA A 62 -9.07 10.61 13.55
N GLY A 63 -8.80 11.73 12.89
CA GLY A 63 -7.87 12.73 13.40
C GLY A 63 -6.46 12.61 12.84
N ALA A 64 -6.23 11.62 11.99
CA ALA A 64 -4.93 11.39 11.38
C ALA A 64 -4.66 12.39 10.25
N VAL A 65 -3.42 12.87 10.19
CA VAL A 65 -3.01 13.78 9.12
C VAL A 65 -2.55 12.98 7.90
N PRO A 66 -3.21 13.18 6.75
CA PRO A 66 -2.82 12.52 5.51
C PRO A 66 -1.51 13.09 4.98
N ALA A 67 -0.62 12.19 4.53
CA ALA A 67 0.69 12.56 4.05
C ALA A 67 1.05 11.87 2.74
N THR A 68 0.78 12.55 1.63
CA THR A 68 1.10 12.02 0.31
C THR A 68 2.58 12.25 0.01
N ILE A 69 3.26 11.19 -0.37
CA ILE A 69 4.71 11.22 -0.55
C ILE A 69 5.10 11.10 -2.03
N GLY A 70 6.03 11.94 -2.45
CA GLY A 70 6.60 11.89 -3.79
C GLY A 70 8.04 12.37 -3.83
N ILE A 71 8.67 12.23 -4.99
CA ILE A 71 10.02 12.74 -5.23
C ILE A 71 9.95 13.82 -6.30
N ALA A 72 10.53 14.98 -6.02
CA ALA A 72 10.52 16.09 -6.95
C ALA A 72 11.71 17.02 -6.72
N GLY A 73 12.44 17.30 -7.79
CA GLY A 73 13.57 18.22 -7.75
C GLY A 73 14.62 17.84 -6.73
N GLY A 74 15.00 16.56 -6.73
CA GLY A 74 16.04 16.05 -5.83
C GLY A 74 15.69 16.11 -4.35
N LYS A 75 14.39 16.07 -4.05
CA LYS A 75 13.90 16.12 -2.67
C LYS A 75 12.88 15.02 -2.43
N LEU A 76 12.84 14.55 -1.19
CA LEU A 76 11.86 13.57 -0.76
C LEU A 76 10.66 14.30 -0.16
N VAL A 77 9.71 14.67 -1.01
CA VAL A 77 8.58 15.50 -0.62
C VAL A 77 7.52 14.72 0.18
N VAL A 78 7.28 15.17 1.41
CA VAL A 78 6.26 14.57 2.28
C VAL A 78 5.09 15.55 2.43
N GLY A 79 4.00 15.25 1.73
CA GLY A 79 2.87 16.16 1.63
C GLY A 79 3.10 17.13 0.48
N LEU A 80 2.63 16.74 -0.70
CA LEU A 80 2.82 17.52 -1.92
C LEU A 80 2.00 18.81 -1.88
N THR A 81 2.56 19.89 -2.42
CA THR A 81 1.85 21.15 -2.55
C THR A 81 0.86 21.07 -3.72
N ASP A 82 -0.13 21.96 -3.72
CA ASP A 82 -1.09 22.07 -4.82
C ASP A 82 -0.37 22.18 -6.16
N SER A 83 0.75 22.89 -6.17
CA SER A 83 1.60 23.06 -7.34
C SER A 83 2.16 21.73 -7.86
N LEU A 84 2.68 20.91 -6.95
CA LEU A 84 3.24 19.61 -7.29
C LEU A 84 2.19 18.60 -7.71
N ILE A 85 1.03 18.65 -7.05
CA ILE A 85 -0.12 17.82 -7.39
C ILE A 85 -0.51 18.00 -8.86
N GLU A 86 -0.40 19.25 -9.32
CA GLU A 86 -0.70 19.60 -10.71
C GLU A 86 0.19 18.83 -11.70
N ARG A 87 1.49 18.86 -11.46
CA ARG A 87 2.46 18.21 -12.34
C ARG A 87 2.27 16.69 -12.38
N PHE A 88 2.10 16.09 -11.20
CA PHE A 88 1.85 14.66 -11.08
C PHE A 88 0.59 14.22 -11.81
N ALA A 89 -0.31 15.17 -12.05
CA ALA A 89 -1.53 14.93 -12.81
C ALA A 89 -1.32 15.19 -14.31
N SER A 90 -0.62 16.28 -14.63
CA SER A 90 -0.42 16.70 -16.02
C SER A 90 0.68 15.91 -16.75
N THR A 91 1.86 15.81 -16.13
CA THR A 91 2.99 15.09 -16.72
C THR A 91 2.64 13.60 -16.88
N LYS A 92 2.96 13.05 -18.05
CA LYS A 92 2.57 11.68 -18.38
C LYS A 92 3.67 10.65 -18.09
N GLY A 93 4.92 11.03 -18.33
CA GLY A 93 6.03 10.08 -18.25
C GLY A 93 6.75 9.99 -16.91
N ILE A 94 6.00 10.12 -15.81
CA ILE A 94 6.58 10.05 -14.47
C ILE A 94 6.93 8.61 -14.10
N PRO A 95 8.23 8.35 -13.81
CA PRO A 95 8.68 6.99 -13.50
C PRO A 95 8.23 6.50 -12.10
N LYS A 96 7.93 5.21 -12.02
CA LYS A 96 7.63 4.56 -10.75
C LYS A 96 8.92 4.25 -9.99
N ILE A 97 8.98 4.66 -8.74
CA ILE A 97 10.21 4.58 -7.95
C ILE A 97 10.01 3.67 -6.74
N SER A 98 10.71 2.53 -6.73
CA SER A 98 10.79 1.72 -5.52
C SER A 98 12.06 2.09 -4.77
N ALA A 99 12.25 1.50 -3.59
CA ALA A 99 13.38 1.81 -2.72
C ALA A 99 14.71 1.92 -3.46
N ARG A 100 14.97 0.97 -4.37
CA ARG A 100 16.25 0.94 -5.08
C ARG A 100 16.41 2.06 -6.12
N ASP A 101 15.29 2.58 -6.62
CA ASP A 101 15.31 3.62 -7.65
C ASP A 101 15.48 5.04 -7.06
N ILE A 102 15.31 5.18 -5.75
CA ILE A 102 15.33 6.48 -5.07
C ILE A 102 16.61 7.28 -5.34
N GLY A 103 17.77 6.65 -5.12
CA GLY A 103 19.05 7.30 -5.31
C GLY A 103 19.16 8.02 -6.65
N GLY A 104 18.90 7.28 -7.72
CA GLY A 104 18.93 7.83 -9.07
C GLY A 104 17.86 8.89 -9.30
N ALA A 105 16.66 8.64 -8.77
CA ALA A 105 15.53 9.57 -8.90
C ALA A 105 15.85 10.96 -8.34
N LEU A 106 16.48 10.99 -7.17
CA LEU A 106 16.93 12.24 -6.56
C LEU A 106 18.05 12.88 -7.38
N ALA A 107 19.07 12.08 -7.69
CA ALA A 107 20.21 12.53 -8.50
C ALA A 107 19.78 13.16 -9.83
N GLY A 108 18.72 12.61 -10.41
CA GLY A 108 18.16 13.12 -11.67
C GLY A 108 17.38 14.42 -11.50
N GLY A 109 16.78 14.59 -10.31
CA GLY A 109 16.02 15.79 -9.99
C GLY A 109 14.69 15.94 -10.72
N GLY A 110 14.18 14.83 -11.26
CA GLY A 110 12.88 14.83 -11.92
C GLY A 110 11.75 14.53 -10.95
N LEU A 111 10.59 14.17 -11.50
CA LEU A 111 9.45 13.76 -10.70
C LEU A 111 9.47 12.24 -10.55
N GLY A 112 9.24 11.77 -9.32
CA GLY A 112 9.27 10.34 -9.04
C GLY A 112 8.04 9.89 -8.27
N ALA A 113 7.23 9.07 -8.93
CA ALA A 113 6.06 8.48 -8.30
C ALA A 113 6.46 7.22 -7.56
N THR A 114 6.51 7.30 -6.24
CA THR A 114 7.01 6.21 -5.41
C THR A 114 6.03 5.05 -5.24
N THR A 115 6.53 3.83 -5.39
CA THR A 115 5.73 2.61 -5.19
C THR A 115 5.60 2.34 -3.69
N VAL A 116 4.90 1.25 -3.35
CA VAL A 116 4.74 0.83 -1.96
C VAL A 116 6.10 0.75 -1.24
N ALA A 117 7.03 0.00 -1.84
CA ALA A 117 8.38 -0.17 -1.27
C ALA A 117 9.11 1.15 -1.10
N GLY A 118 9.07 2.00 -2.12
CA GLY A 118 9.72 3.31 -2.09
C GLY A 118 9.15 4.27 -1.06
N THR A 119 7.83 4.28 -0.94
CA THR A 119 7.13 5.22 -0.06
C THR A 119 7.45 5.00 1.41
N ILE A 120 7.31 3.76 1.88
CA ILE A 120 7.49 3.43 3.30
C ILE A 120 8.90 3.77 3.82
N VAL A 121 9.91 3.66 2.95
CA VAL A 121 11.27 4.09 3.25
C VAL A 121 11.31 5.58 3.58
N ILE A 122 10.67 6.38 2.73
CA ILE A 122 10.60 7.83 2.92
C ILE A 122 9.73 8.17 4.13
N ALA A 123 8.60 7.48 4.24
CA ALA A 123 7.69 7.64 5.37
C ALA A 123 8.40 7.45 6.71
N GLU A 124 9.17 6.37 6.82
CA GLU A 124 9.94 6.09 8.04
C GLU A 124 10.91 7.23 8.32
N ARG A 125 11.67 7.62 7.30
CA ARG A 125 12.67 8.69 7.42
C ARG A 125 12.06 9.98 7.98
N ALA A 126 10.83 10.26 7.58
CA ALA A 126 10.13 11.47 7.99
C ALA A 126 9.57 11.37 9.40
N GLY A 127 9.51 10.15 9.94
CA GLY A 127 8.97 9.91 11.27
C GLY A 127 7.56 9.32 11.26
N ILE A 128 7.03 9.09 10.06
CA ILE A 128 5.71 8.51 9.89
C ILE A 128 5.77 7.01 10.16
N GLN A 129 4.72 6.47 10.78
CA GLN A 129 4.72 5.08 11.24
C GLN A 129 3.60 4.24 10.62
N VAL A 130 2.69 4.88 9.91
CA VAL A 130 1.56 4.17 9.29
C VAL A 130 1.40 4.61 7.84
N PHE A 131 1.25 3.61 6.96
CA PHE A 131 1.08 3.82 5.52
C PHE A 131 -0.06 2.95 5.03
N THR A 132 -0.83 3.46 4.07
CA THR A 132 -1.95 2.71 3.52
C THR A 132 -2.00 2.65 1.99
N THR A 133 -2.57 1.55 1.49
CA THR A 133 -2.82 1.35 0.07
C THR A 133 -3.89 0.28 -0.09
N ALA A 134 -4.53 0.23 -1.26
CA ALA A 134 -5.55 -0.77 -1.54
C ALA A 134 -4.94 -2.17 -1.57
N GLY A 135 -3.84 -2.31 -2.31
CA GLY A 135 -3.13 -3.58 -2.42
C GLY A 135 -1.64 -3.41 -2.47
N ILE A 136 -0.93 -4.34 -1.83
CA ILE A 136 0.53 -4.37 -1.86
C ILE A 136 1.03 -5.35 -2.91
N GLY A 137 2.31 -5.27 -3.23
CA GLY A 137 2.94 -6.25 -4.12
C GLY A 137 3.18 -7.56 -3.38
N GLY A 138 3.56 -8.58 -4.13
CA GLY A 138 3.84 -9.89 -3.55
C GLY A 138 4.48 -10.84 -4.53
N VAL A 139 4.25 -12.12 -4.31
CA VAL A 139 4.75 -13.16 -5.21
C VAL A 139 3.84 -13.25 -6.43
N HIS A 140 4.40 -12.99 -7.60
CA HIS A 140 3.65 -13.12 -8.85
C HIS A 140 3.29 -14.54 -9.10
N ARG A 141 2.19 -14.77 -9.81
CA ARG A 141 1.76 -16.12 -10.19
C ARG A 141 2.82 -16.76 -11.06
N ARG A 142 3.17 -18.01 -10.74
CA ARG A 142 4.31 -18.74 -11.32
C ARG A 142 5.66 -18.22 -10.83
N GLY A 143 5.63 -17.46 -9.73
CA GLY A 143 6.85 -16.92 -9.12
C GLY A 143 7.81 -17.98 -8.64
N GLU A 144 7.27 -19.13 -8.21
CA GLU A 144 8.09 -20.27 -7.78
C GLU A 144 9.05 -20.73 -8.88
N ASP A 145 8.69 -20.37 -10.12
CA ASP A 145 9.50 -20.68 -11.30
C ASP A 145 10.14 -19.42 -11.89
N THR A 146 9.35 -18.35 -12.00
CA THR A 146 9.81 -17.12 -12.65
C THR A 146 10.63 -16.22 -11.72
N LEU A 147 10.47 -16.41 -10.41
CA LEU A 147 11.13 -15.60 -9.36
C LEU A 147 10.79 -14.10 -9.40
N ASP A 148 9.67 -13.78 -10.03
CA ASP A 148 9.14 -12.42 -10.08
C ASP A 148 8.45 -12.09 -8.76
N ILE A 149 9.18 -11.40 -7.88
CA ILE A 149 8.67 -11.06 -6.55
C ILE A 149 8.88 -9.56 -6.26
N SER A 150 7.82 -8.92 -5.79
CA SER A 150 7.85 -7.49 -5.47
C SER A 150 8.88 -7.20 -4.38
N PRO A 151 9.63 -6.09 -4.52
CA PRO A 151 10.65 -5.72 -3.54
C PRO A 151 10.02 -5.35 -2.19
N ASP A 152 8.71 -5.13 -2.21
CA ASP A 152 7.92 -4.82 -1.02
C ASP A 152 8.22 -5.80 0.11
N LEU A 153 8.15 -7.09 -0.21
CA LEU A 153 8.20 -8.16 0.79
C LEU A 153 9.48 -8.19 1.62
N LEU A 154 10.61 -7.88 0.99
CA LEU A 154 11.88 -7.85 1.70
C LEU A 154 12.20 -6.47 2.25
N GLN A 155 11.48 -5.46 1.77
CA GLN A 155 11.57 -4.12 2.33
C GLN A 155 10.95 -4.10 3.73
N PHE A 156 10.02 -5.01 3.96
CA PHE A 156 9.29 -5.13 5.21
C PHE A 156 10.14 -5.65 6.36
N ARG A 157 11.27 -6.27 6.02
CA ARG A 157 12.24 -6.73 7.02
C ARG A 157 13.03 -5.54 7.57
N LYS A 158 13.24 -4.54 6.72
CA LYS A 158 14.06 -3.37 7.07
C LYS A 158 13.26 -2.25 7.75
N THR A 159 12.22 -1.78 7.07
CA THR A 159 11.53 -0.54 7.42
C THR A 159 10.45 -0.70 8.49
N LYS A 160 10.60 0.04 9.59
CA LYS A 160 9.61 0.07 10.67
C LYS A 160 8.35 0.81 10.26
N MET A 161 7.25 0.07 10.14
CA MET A 161 5.96 0.65 9.78
C MET A 161 4.81 -0.34 9.98
N THR A 162 3.59 0.19 10.07
CA THR A 162 2.39 -0.61 9.89
C THR A 162 1.77 -0.28 8.54
N VAL A 163 1.73 -1.27 7.66
CA VAL A 163 1.13 -1.11 6.33
C VAL A 163 -0.30 -1.66 6.33
N VAL A 164 -1.25 -0.76 6.10
CA VAL A 164 -2.67 -1.13 6.07
C VAL A 164 -3.14 -1.26 4.62
N SER A 165 -3.52 -2.48 4.25
CA SER A 165 -3.96 -2.78 2.89
C SER A 165 -5.08 -3.81 2.90
N GLY A 166 -5.51 -4.23 1.72
CA GLY A 166 -6.46 -5.33 1.58
C GLY A 166 -5.74 -6.57 1.09
N GLY A 167 -4.50 -6.74 1.52
CA GLY A 167 -3.66 -7.85 1.08
C GLY A 167 -2.91 -7.55 -0.20
N ALA A 168 -2.61 -8.59 -0.97
CA ALA A 168 -1.90 -8.44 -2.24
C ALA A 168 -2.86 -8.15 -3.39
N LYS A 169 -2.38 -7.40 -4.38
CA LYS A 169 -3.14 -7.15 -5.60
C LYS A 169 -3.57 -8.48 -6.24
N SER A 170 -4.78 -8.49 -6.80
CA SER A 170 -5.42 -9.73 -7.25
C SER A 170 -4.66 -10.52 -8.32
N ILE A 171 -3.84 -9.84 -9.11
CA ILE A 171 -3.04 -10.49 -10.17
C ILE A 171 -1.88 -11.33 -9.62
N LEU A 172 -1.72 -11.32 -8.30
CA LEU A 172 -0.61 -12.00 -7.65
C LEU A 172 -1.04 -13.33 -7.04
N ASP A 173 -0.06 -14.13 -6.62
CA ASP A 173 -0.31 -15.40 -5.97
C ASP A 173 -0.39 -15.18 -4.46
N HIS A 174 -1.61 -15.20 -3.93
CA HIS A 174 -1.86 -14.86 -2.52
C HIS A 174 -1.25 -15.82 -1.54
N ARG A 175 -1.39 -17.12 -1.80
CA ARG A 175 -0.82 -18.15 -0.91
C ARG A 175 0.71 -18.08 -0.87
N LEU A 176 1.34 -18.05 -2.04
CA LEU A 176 2.80 -17.98 -2.12
C LEU A 176 3.35 -16.73 -1.45
N THR A 177 2.62 -15.63 -1.57
CA THR A 177 2.98 -14.37 -0.92
C THR A 177 2.97 -14.53 0.60
N ALA A 178 1.90 -15.14 1.11
CA ALA A 178 1.76 -15.43 2.54
C ALA A 178 2.89 -16.32 3.05
N GLU A 179 3.28 -17.29 2.23
CA GLU A 179 4.40 -18.17 2.55
C GLU A 179 5.73 -17.41 2.61
N TYR A 180 5.93 -16.52 1.64
CA TYR A 180 7.15 -15.72 1.56
C TYR A 180 7.29 -14.79 2.76
N LEU A 181 6.18 -14.17 3.15
CA LEU A 181 6.15 -13.26 4.30
C LEU A 181 6.35 -13.99 5.63
N GLU A 182 5.94 -15.25 5.68
CA GLU A 182 6.13 -16.08 6.87
C GLU A 182 7.60 -16.44 7.01
N THR A 183 8.24 -16.76 5.88
CA THR A 183 9.68 -17.04 5.83
C THR A 183 10.47 -15.80 6.26
N ALA A 184 10.02 -14.63 5.80
CA ALA A 184 10.67 -13.35 6.07
C ALA A 184 10.34 -12.77 7.45
N GLY A 185 9.45 -13.44 8.18
CA GLY A 185 9.12 -13.07 9.55
C GLY A 185 8.36 -11.77 9.70
N VAL A 186 7.50 -11.47 8.73
CA VAL A 186 6.66 -10.28 8.77
C VAL A 186 5.30 -10.64 9.36
N PRO A 187 4.93 -10.02 10.51
CA PRO A 187 3.63 -10.27 11.12
C PRO A 187 2.50 -9.88 10.19
N VAL A 188 1.53 -10.77 10.04
CA VAL A 188 0.33 -10.50 9.26
C VAL A 188 -0.89 -10.60 10.15
N TYR A 189 -1.58 -9.48 10.33
CA TYR A 189 -2.77 -9.43 11.15
C TYR A 189 -4.00 -9.18 10.30
N GLY A 190 -5.05 -9.95 10.56
CA GLY A 190 -6.35 -9.75 9.92
C GLY A 190 -7.28 -8.99 10.85
N TYR A 191 -7.81 -7.88 10.36
CA TYR A 191 -8.72 -7.04 11.15
C TYR A 191 -10.14 -7.62 11.16
N ARG A 192 -10.53 -8.12 12.32
CA ARG A 192 -11.83 -8.77 12.54
C ARG A 192 -12.08 -9.96 11.61
N THR A 193 -11.00 -10.45 11.01
CA THR A 193 -11.05 -11.60 10.12
C THR A 193 -9.88 -12.55 10.41
N ASP A 194 -10.07 -13.83 10.09
CA ASP A 194 -9.03 -14.83 10.29
C ASP A 194 -8.50 -15.40 8.98
N LYS A 195 -9.00 -14.86 7.86
CA LYS A 195 -8.50 -15.22 6.54
C LYS A 195 -7.81 -14.01 5.88
N LEU A 196 -6.84 -14.30 5.02
CA LEU A 196 -6.11 -13.26 4.29
C LEU A 196 -6.99 -12.59 3.24
N ALA A 197 -7.02 -11.26 3.27
CA ALA A 197 -7.77 -10.47 2.30
C ALA A 197 -7.14 -10.57 0.91
N ALA A 198 -7.95 -10.94 -0.07
CA ALA A 198 -7.47 -11.14 -1.44
C ALA A 198 -7.87 -10.00 -2.38
N PHE A 199 -7.53 -8.78 -1.97
CA PHE A 199 -7.78 -7.56 -2.75
C PHE A 199 -9.28 -7.29 -2.93
N VAL A 200 -9.76 -7.25 -4.17
CA VAL A 200 -11.19 -7.06 -4.47
C VAL A 200 -12.04 -8.25 -4.06
N VAL A 201 -11.44 -9.45 -4.11
CA VAL A 201 -12.01 -10.65 -3.52
C VAL A 201 -11.82 -10.54 -2.01
N ARG A 202 -12.82 -10.93 -1.24
CA ARG A 202 -12.77 -10.77 0.21
C ARG A 202 -11.72 -11.67 0.88
N GLU A 203 -11.72 -12.96 0.53
CA GLU A 203 -10.88 -13.93 1.23
C GLU A 203 -10.00 -14.77 0.31
N ALA A 204 -8.86 -15.17 0.86
CA ALA A 204 -8.03 -16.24 0.30
C ALA A 204 -7.90 -17.31 1.38
N ASP A 205 -7.79 -18.57 0.96
CA ASP A 205 -7.75 -19.69 1.91
C ASP A 205 -6.41 -19.75 2.67
N VAL A 206 -6.16 -18.69 3.45
CA VAL A 206 -4.91 -18.51 4.19
C VAL A 206 -5.22 -17.95 5.57
N PRO A 207 -4.89 -18.70 6.64
CA PRO A 207 -5.18 -18.22 8.00
C PRO A 207 -4.26 -17.09 8.44
N VAL A 208 -4.85 -16.02 8.96
CA VAL A 208 -4.09 -14.91 9.53
C VAL A 208 -4.49 -14.70 11.00
N THR A 209 -3.58 -14.12 11.77
CA THR A 209 -3.82 -13.86 13.19
C THR A 209 -4.86 -12.76 13.34
N ARG A 210 -5.94 -13.08 14.04
CA ARG A 210 -7.08 -12.18 14.18
C ARG A 210 -6.81 -11.04 15.16
N MET A 211 -7.25 -9.84 14.78
CA MET A 211 -7.21 -8.67 15.65
C MET A 211 -8.56 -7.96 15.56
N ASP A 212 -9.36 -8.05 16.62
CA ASP A 212 -10.70 -7.47 16.62
C ASP A 212 -10.70 -6.00 17.06
N ASP A 213 -9.71 -5.63 17.85
CA ASP A 213 -9.58 -4.28 18.37
C ASP A 213 -8.29 -3.62 17.90
N LEU A 214 -8.40 -2.42 17.34
CA LEU A 214 -7.25 -1.68 16.82
C LEU A 214 -6.28 -1.22 17.91
N HIS A 215 -6.79 -0.98 19.12
CA HIS A 215 -5.94 -0.65 20.25
C HIS A 215 -5.07 -1.81 20.61
N THR A 216 -5.65 -3.01 20.63
CA THR A 216 -4.91 -4.23 20.88
C THR A 216 -3.86 -4.44 19.79
N ALA A 217 -4.28 -4.28 18.53
CA ALA A 217 -3.42 -4.44 17.36
C ALA A 217 -2.22 -3.48 17.37
N ALA A 218 -2.47 -2.23 17.78
CA ALA A 218 -1.42 -1.22 17.89
C ALA A 218 -0.44 -1.54 19.01
N ARG A 219 -0.92 -2.25 20.03
CA ARG A 219 -0.07 -2.69 21.13
C ARG A 219 0.76 -3.93 20.74
N ALA A 220 0.27 -4.68 19.77
CA ALA A 220 0.99 -5.83 19.23
C ALA A 220 2.18 -5.39 18.37
N ALA A 221 1.97 -4.35 17.57
CA ALA A 221 3.01 -3.79 16.71
C ALA A 221 4.09 -3.12 17.54
N GLU A 222 3.67 -2.30 18.51
CA GLU A 222 4.58 -1.59 19.40
C GLU A 222 5.50 -2.57 20.13
N ALA A 223 4.92 -3.65 20.63
CA ALA A 223 5.67 -4.69 21.32
C ALA A 223 6.58 -5.43 20.36
N HIS A 224 6.12 -5.59 19.11
CA HIS A 224 6.91 -6.23 18.06
C HIS A 224 8.16 -5.47 17.74
N TRP A 225 8.05 -4.15 17.64
CA TRP A 225 9.20 -3.31 17.33
C TRP A 225 10.18 -3.26 18.46
N GLN A 226 9.70 -3.41 19.68
CA GLN A 226 10.57 -3.40 20.87
C GLN A 226 11.38 -4.68 20.99
N VAL A 227 10.91 -5.74 20.33
CA VAL A 227 11.53 -7.06 20.42
C VAL A 227 12.34 -7.39 19.16
N ASN A 228 11.70 -7.27 17.99
CA ASN A 228 12.33 -7.60 16.73
C ASN A 228 12.97 -6.41 16.02
N GLY A 229 13.03 -5.28 16.72
CA GLY A 229 13.56 -4.05 16.13
C GLY A 229 12.70 -3.53 14.99
N PRO A 230 13.27 -2.64 14.15
CA PRO A 230 12.58 -2.09 12.98
C PRO A 230 12.12 -3.19 12.01
N GLY A 231 11.06 -2.90 11.26
CA GLY A 231 10.44 -3.88 10.38
C GLY A 231 8.94 -3.66 10.32
N THR A 232 8.33 -4.08 9.22
CA THR A 232 6.92 -3.78 8.98
C THR A 232 5.95 -4.78 9.60
N VAL A 233 4.92 -4.22 10.23
CA VAL A 233 3.75 -4.97 10.63
C VAL A 233 2.71 -4.78 9.54
N LEU A 234 2.27 -5.89 8.95
CA LEU A 234 1.31 -5.85 7.86
C LEU A 234 -0.08 -6.10 8.40
N LEU A 235 -0.99 -5.16 8.13
CA LEU A 235 -2.37 -5.25 8.60
C LEU A 235 -3.33 -5.32 7.42
N THR A 236 -4.06 -6.41 7.34
CA THR A 236 -5.01 -6.62 6.26
C THR A 236 -6.44 -6.37 6.71
N SER A 237 -7.15 -5.57 5.92
CA SER A 237 -8.56 -5.29 6.15
C SER A 237 -9.32 -5.57 4.87
N PRO A 238 -10.13 -6.64 4.85
CA PRO A 238 -10.83 -7.08 3.64
C PRO A 238 -11.90 -6.11 3.17
N ILE A 239 -12.16 -6.11 1.86
CA ILE A 239 -13.21 -5.29 1.26
C ILE A 239 -14.58 -5.61 1.87
N ASP A 240 -15.38 -4.57 2.13
CA ASP A 240 -16.75 -4.75 2.60
C ASP A 240 -17.47 -5.74 1.69
N GLU A 241 -18.09 -6.76 2.30
CA GLU A 241 -18.69 -7.86 1.55
C GLU A 241 -19.71 -7.42 0.52
N GLN A 242 -20.43 -6.34 0.84
CA GLN A 242 -21.41 -5.73 -0.07
C GLN A 242 -20.78 -5.21 -1.37
N ASP A 243 -19.47 -5.04 -1.38
CA ASP A 243 -18.74 -4.51 -2.54
C ASP A 243 -17.75 -5.53 -3.09
N ALA A 244 -17.65 -6.68 -2.43
CA ALA A 244 -16.70 -7.73 -2.77
C ALA A 244 -17.00 -8.38 -4.13
N VAL A 245 -15.94 -8.73 -4.85
CA VAL A 245 -16.06 -9.44 -6.13
C VAL A 245 -15.90 -10.93 -5.91
N ASP A 246 -16.77 -11.71 -6.55
CA ASP A 246 -16.74 -13.17 -6.48
C ASP A 246 -15.36 -13.71 -6.86
N GLU A 247 -14.83 -14.60 -6.01
CA GLU A 247 -13.52 -15.20 -6.21
C GLU A 247 -13.42 -15.96 -7.53
N ALA A 248 -14.45 -16.75 -7.82
CA ALA A 248 -14.49 -17.60 -9.01
C ALA A 248 -14.45 -16.80 -10.31
N ILE A 249 -15.00 -15.58 -10.27
CA ILE A 249 -14.99 -14.67 -11.43
C ILE A 249 -13.56 -14.21 -11.72
N VAL A 250 -12.84 -13.83 -10.66
CA VAL A 250 -11.48 -13.34 -10.78
C VAL A 250 -10.52 -14.46 -11.22
N GLU A 251 -10.66 -15.63 -10.62
CA GLU A 251 -9.77 -16.77 -10.90
C GLU A 251 -9.85 -17.29 -12.33
N ALA A 252 -11.07 -17.47 -12.83
CA ALA A 252 -11.30 -17.96 -14.18
C ALA A 252 -10.89 -16.95 -15.25
N ALA A 253 -11.03 -15.66 -14.92
CA ALA A 253 -10.65 -14.56 -15.82
C ALA A 253 -9.14 -14.49 -16.01
N ILE A 254 -8.41 -14.65 -14.90
CA ILE A 254 -6.94 -14.64 -14.94
C ILE A 254 -6.41 -15.90 -15.64
N ALA A 255 -6.91 -17.06 -15.24
CA ALA A 255 -6.49 -18.34 -15.82
C ALA A 255 -6.65 -18.36 -17.34
N GLU A 256 -7.75 -17.78 -17.84
CA GLU A 256 -8.00 -17.68 -19.27
C GLU A 256 -7.01 -16.71 -19.93
N ALA A 257 -6.75 -15.59 -19.27
CA ALA A 257 -5.82 -14.58 -19.77
C ALA A 257 -4.37 -15.10 -19.81
N LEU A 258 -4.07 -16.04 -18.92
CA LEU A 258 -2.76 -16.70 -18.89
C LEU A 258 -2.58 -17.64 -20.08
N ALA A 259 -3.67 -18.29 -20.48
CA ALA A 259 -3.66 -19.20 -21.63
C ALA A 259 -3.40 -18.47 -22.94
N GLN A 260 -3.87 -17.22 -23.02
CA GLN A 260 -3.62 -16.35 -24.17
C GLN A 260 -2.14 -16.00 -24.29
N CYS A 261 -1.48 -15.80 -23.15
CA CYS A 261 -0.05 -15.51 -23.09
C CYS A 261 0.80 -16.74 -23.37
N ASP A 262 0.22 -17.93 -23.16
CA ASP A 262 0.90 -19.20 -23.45
C ASP A 262 0.96 -19.48 -24.95
N GLN A 263 -0.15 -19.19 -25.64
CA GLN A 263 -0.22 -19.41 -27.09
C GLN A 263 0.39 -18.26 -27.89
N GLU A 264 0.29 -17.05 -27.35
CA GLU A 264 0.94 -15.87 -27.94
C GLU A 264 2.44 -15.88 -27.65
N GLY A 265 2.82 -16.53 -26.55
CA GLY A 265 4.22 -16.63 -26.15
C GLY A 265 4.71 -15.36 -25.48
N ILE A 266 4.08 -15.00 -24.38
CA ILE A 266 4.45 -13.81 -23.60
C ILE A 266 5.01 -14.24 -22.25
N VAL A 267 6.20 -13.72 -21.91
CA VAL A 267 6.84 -14.02 -20.61
C VAL A 267 7.38 -12.74 -19.97
N GLY A 268 7.55 -12.77 -18.64
CA GLY A 268 8.18 -11.67 -17.91
C GLY A 268 7.22 -10.58 -17.47
N ASN A 269 7.72 -9.35 -17.43
CA ASN A 269 6.90 -8.20 -17.04
C ASN A 269 6.08 -7.62 -18.20
N ALA A 270 5.92 -8.43 -19.24
CA ALA A 270 4.97 -8.14 -20.30
C ALA A 270 3.63 -8.80 -19.98
N VAL A 271 3.69 -9.89 -19.23
CA VAL A 271 2.51 -10.64 -18.78
C VAL A 271 1.73 -9.85 -17.72
N SER A 272 2.46 -9.18 -16.85
CA SER A 272 1.87 -8.48 -15.70
C SER A 272 0.81 -7.43 -16.06
N PRO A 273 1.10 -6.49 -16.98
CA PRO A 273 0.09 -5.49 -17.33
C PRO A 273 -1.05 -6.05 -18.20
N TYR A 274 -0.79 -7.17 -18.87
CA TYR A 274 -1.82 -7.88 -19.64
C TYR A 274 -2.98 -8.32 -18.74
N LEU A 275 -2.64 -9.02 -17.66
CA LEU A 275 -3.60 -9.55 -16.70
C LEU A 275 -4.39 -8.46 -15.99
N MET A 276 -3.69 -7.35 -15.68
CA MET A 276 -4.29 -6.18 -15.05
C MET A 276 -5.51 -5.68 -15.82
N LYS A 277 -5.36 -5.54 -17.13
CA LYS A 277 -6.37 -4.93 -17.99
C LYS A 277 -7.38 -5.94 -18.52
N ALA A 278 -7.00 -7.22 -18.53
CA ALA A 278 -7.91 -8.32 -18.86
C ALA A 278 -8.90 -8.54 -17.72
N LEU A 279 -8.45 -8.23 -16.51
CA LEU A 279 -9.27 -8.34 -15.31
C LEU A 279 -10.35 -7.25 -15.26
N ALA A 280 -9.99 -6.06 -15.75
CA ALA A 280 -10.90 -4.91 -15.75
C ALA A 280 -12.18 -5.16 -16.56
N ARG A 281 -12.05 -5.92 -17.64
CA ARG A 281 -13.18 -6.27 -18.50
C ARG A 281 -14.13 -7.24 -17.80
N ALA A 282 -13.57 -8.31 -17.24
CA ALA A 282 -14.33 -9.43 -16.69
C ALA A 282 -15.17 -9.10 -15.45
N SER A 283 -14.91 -7.93 -14.85
CA SER A 283 -15.66 -7.48 -13.69
C SER A 283 -17.01 -6.86 -14.07
N GLY A 284 -17.22 -6.66 -15.36
CA GLY A 284 -18.39 -5.97 -15.87
C GLY A 284 -18.25 -4.48 -15.70
N GLY A 285 -17.00 -4.00 -15.69
CA GLY A 285 -16.69 -2.60 -15.47
C GLY A 285 -16.86 -2.15 -14.03
N MET A 286 -16.99 -3.13 -13.12
CA MET A 286 -17.23 -2.86 -11.71
C MET A 286 -15.94 -2.81 -10.88
N LEU A 287 -14.83 -3.20 -11.52
CA LEU A 287 -13.51 -3.22 -10.86
C LEU A 287 -13.09 -1.88 -10.26
N PRO A 288 -13.17 -0.78 -11.04
CA PRO A 288 -12.79 0.54 -10.48
C PRO A 288 -13.58 0.92 -9.23
N LYS A 289 -14.88 0.63 -9.21
CA LYS A 289 -15.73 0.94 -8.07
C LYS A 289 -15.45 0.02 -6.87
N ALA A 290 -15.09 -1.23 -7.15
CA ALA A 290 -14.71 -2.19 -6.11
C ALA A 290 -13.35 -1.84 -5.54
N GLY A 291 -12.43 -1.43 -6.41
CA GLY A 291 -11.11 -0.98 -6.00
C GLY A 291 -11.17 0.26 -5.15
N ARG A 292 -11.96 1.24 -5.61
CA ARG A 292 -12.15 2.51 -4.90
C ARG A 292 -12.86 2.31 -3.56
N SER A 293 -13.81 1.39 -3.52
CA SER A 293 -14.52 1.04 -2.29
C SER A 293 -13.57 0.48 -1.23
N LEU A 294 -12.74 -0.48 -1.64
CA LEU A 294 -11.72 -1.07 -0.77
C LEU A 294 -10.75 -0.01 -0.27
N LEU A 295 -10.19 0.74 -1.22
CA LEU A 295 -9.26 1.84 -0.94
C LEU A 295 -9.74 2.72 0.21
N LEU A 296 -11.02 3.09 0.18
CA LEU A 296 -11.62 3.97 1.18
C LEU A 296 -11.83 3.31 2.53
N SER A 297 -12.34 2.08 2.53
CA SER A 297 -12.53 1.32 3.77
C SER A 297 -11.19 1.06 4.46
N THR A 298 -10.19 0.72 3.65
CA THR A 298 -8.83 0.50 4.12
C THR A 298 -8.23 1.77 4.72
N ALA A 299 -8.34 2.88 4.00
CA ALA A 299 -7.83 4.17 4.45
C ALA A 299 -8.42 4.61 5.79
N ARG A 300 -9.73 4.45 5.93
CA ARG A 300 -10.44 4.79 7.17
C ARG A 300 -9.86 4.02 8.35
N VAL A 301 -9.60 2.72 8.15
CA VAL A 301 -9.01 1.86 9.15
C VAL A 301 -7.62 2.35 9.57
N ALA A 302 -6.81 2.71 8.58
CA ALA A 302 -5.44 3.19 8.80
C ALA A 302 -5.40 4.40 9.74
N GLY A 303 -6.24 5.38 9.46
CA GLY A 303 -6.35 6.58 10.29
C GLY A 303 -6.77 6.24 11.71
N GLU A 304 -7.70 5.30 11.84
CA GLU A 304 -8.17 4.85 13.14
C GLU A 304 -7.08 4.13 13.92
N PHE A 305 -6.31 3.29 13.21
CA PHE A 305 -5.18 2.57 13.80
C PHE A 305 -4.07 3.53 14.22
N SER A 306 -3.73 4.47 13.32
CA SER A 306 -2.70 5.46 13.59
C SER A 306 -3.02 6.29 14.83
N ALA A 307 -4.30 6.59 15.00
CA ALA A 307 -4.79 7.29 16.18
C ALA A 307 -4.62 6.43 17.43
N ALA A 308 -4.92 5.15 17.28
CA ALA A 308 -4.75 4.19 18.37
C ALA A 308 -3.27 4.04 18.72
N LEU A 309 -2.43 3.91 17.70
CA LEU A 309 -0.99 3.75 17.89
C LEU A 309 -0.36 4.94 18.60
N SER A 310 -0.71 6.16 18.17
CA SER A 310 -0.23 7.38 18.83
C SER A 310 -0.62 7.41 20.29
N ALA A 311 -1.83 6.94 20.59
CA ALA A 311 -2.34 6.91 21.95
C ALA A 311 -1.59 5.91 22.83
N VAL A 312 -1.29 4.74 22.27
CA VAL A 312 -0.52 3.71 22.97
C VAL A 312 0.88 4.25 23.29
N GLN A 313 1.51 4.87 22.30
CA GLN A 313 2.85 5.45 22.44
C GLN A 313 2.88 6.66 23.38
N ALA A 314 1.74 7.33 23.53
CA ALA A 314 1.63 8.50 24.40
C ALA A 314 1.55 8.12 25.88
N GLU A 315 1.53 6.82 26.17
CA GLU A 315 1.55 6.33 27.55
C GLU A 315 2.96 6.27 28.13
N ARG A 316 3.96 6.33 27.26
CA ARG A 316 5.37 6.34 27.65
C ARG A 316 6.20 7.20 26.71
#